data_1BKD
#
_entry.id   1BKD
#
_cell.length_a   142.700
_cell.length_b   142.700
_cell.length_c   207.900
_cell.angle_alpha   90.00
_cell.angle_beta   90.00
_cell.angle_gamma   90.00
#
_symmetry.space_group_name_H-M   'I 4 2 2'
#
loop_
_entity.id
_entity.type
_entity.pdbx_description
1 polymer H-RAS
2 polymer 'SON OF SEVENLESS-1'
3 water water
#
loop_
_entity_poly.entity_id
_entity_poly.type
_entity_poly.pdbx_seq_one_letter_code
_entity_poly.pdbx_strand_id
1 'polypeptide(L)'
;MTEYKLVVVGAGGVGKSALTIQLIQNHFVDEYDPTIEDSYRKQVVIDGETCLLDILDTAGQEEYSAMRDQYMRTGEGFLC
VFAINNTKSFEDIHQYREQIKRVKDSDDVPMVLVGNKCDLAARTVESRQAQDLARSYGIPYIETSAKTRQGVEDAFYTLV
REIRQH
;
R
2 'polypeptide(L)'
;RLPSADVYRFAEPDSEENIIFEENMQPKAGIPIIKAGTVIKLIERLTYHMYADPNFVRTFLTTYRSFCKPQELLSLIIER
FEIPEPEPTEADRIAIENGDQPLSAELKRFRKEYIQPVQLRVLNVCRHWVEHHFYDFERDAYLLQRMEEFIGTVRGKAMK
KWVESITKIIQRKKIARDNGPGHNITFQSSPPTVEWHISRPGHIETFDLLTLHPIEIARQLTLLESDLYRAVQPSELVGS
VWTKEDKEINSPNLLKMIRHTTNLTLWFEKCIVETENLEERVAVVSRIIEILQVFQELNNFNGVLEVVSAMNSSPVYRLD
HTFEQIPSRQKKILEEAHELSEDHYKKYLAKLRSINPPCVPFFGIYLTNILKTEEGNPEVLKRHGKELINFSKRRKVAEI
TGEIQQYQNQPYCLRVESDIKRFFENLNPMGNSMEKEFTDYLFNKSLEIEPRNPKPLPRFPKKYSYPLKSPGVRPSN
;
S
#
# COMPACT_ATOMS: atom_id res chain seq x y z
N MET A 1 -1.14 -32.55 6.09
CA MET A 1 0.32 -32.25 6.14
C MET A 1 0.62 -31.06 7.05
N THR A 2 1.90 -30.89 7.37
CA THR A 2 2.32 -29.79 8.23
C THR A 2 2.35 -28.46 7.48
N GLU A 3 1.89 -27.41 8.17
CA GLU A 3 1.85 -26.07 7.60
C GLU A 3 2.84 -25.17 8.33
N TYR A 4 3.78 -24.59 7.59
CA TYR A 4 4.77 -23.69 8.17
C TYR A 4 4.47 -22.24 7.83
N LYS A 5 4.29 -21.41 8.85
CA LYS A 5 4.03 -20.00 8.61
C LYS A 5 5.33 -19.19 8.58
N LEU A 6 5.72 -18.79 7.38
CA LEU A 6 6.94 -18.04 7.18
C LEU A 6 6.68 -16.56 6.99
N VAL A 7 7.56 -15.73 7.55
CA VAL A 7 7.44 -14.28 7.43
C VAL A 7 8.74 -13.69 6.94
N VAL A 8 8.64 -12.80 5.96
CA VAL A 8 9.82 -12.15 5.40
C VAL A 8 9.91 -10.73 5.93
N VAL A 9 11.09 -10.34 6.40
CA VAL A 9 11.32 -9.00 6.93
C VAL A 9 12.59 -8.43 6.31
N GLY A 10 12.63 -7.11 6.14
CA GLY A 10 13.78 -6.47 5.56
C GLY A 10 13.46 -5.11 5.00
N ALA A 11 14.47 -4.29 4.77
CA ALA A 11 14.27 -2.95 4.24
C ALA A 11 13.56 -2.94 2.91
N GLY A 12 12.76 -1.90 2.68
CA GLY A 12 12.05 -1.76 1.42
C GLY A 12 12.90 -0.98 0.44
N GLY A 13 12.43 -0.88 -0.80
CA GLY A 13 13.16 -0.14 -1.81
C GLY A 13 14.37 -0.82 -2.40
N VAL A 14 14.55 -2.10 -2.10
CA VAL A 14 15.68 -2.84 -2.65
C VAL A 14 15.24 -4.18 -3.25
N GLY A 15 13.93 -4.29 -3.46
CA GLY A 15 13.36 -5.48 -4.08
C GLY A 15 13.33 -6.80 -3.34
N LYS A 16 12.98 -6.78 -2.05
CA LYS A 16 12.94 -8.02 -1.28
C LYS A 16 11.82 -8.95 -1.76
N SER A 17 10.83 -8.39 -2.44
CA SER A 17 9.70 -9.18 -2.92
C SER A 17 10.13 -10.25 -3.92
N ALA A 18 11.26 -10.03 -4.58
CA ALA A 18 11.75 -11.01 -5.56
C ALA A 18 11.96 -12.39 -4.94
N LEU A 19 12.27 -12.43 -3.65
CA LEU A 19 12.51 -13.68 -2.95
C LEU A 19 11.29 -14.60 -2.98
N THR A 20 10.22 -14.19 -2.31
CA THR A 20 9.00 -14.98 -2.27
C THR A 20 8.35 -15.20 -3.64
N ILE A 21 8.51 -14.24 -4.54
CA ILE A 21 7.92 -14.35 -5.87
C ILE A 21 8.61 -15.41 -6.71
N GLN A 22 9.94 -15.40 -6.70
CA GLN A 22 10.71 -16.38 -7.45
C GLN A 22 10.46 -17.81 -6.96
N LEU A 23 10.20 -17.96 -5.66
CA LEU A 23 9.93 -19.28 -5.11
C LEU A 23 8.65 -19.80 -5.73
N ILE A 24 7.60 -18.98 -5.63
CA ILE A 24 6.28 -19.30 -6.14
C ILE A 24 6.09 -19.06 -7.64
N GLN A 25 7.01 -19.59 -8.44
CA GLN A 25 6.93 -19.46 -9.90
C GLN A 25 7.67 -20.62 -10.51
N ASN A 26 7.25 -21.00 -11.73
CA ASN A 26 7.85 -22.11 -12.44
C ASN A 26 8.67 -21.59 -13.62
N HIS A 27 9.39 -22.50 -14.29
CA HIS A 27 10.19 -22.13 -15.45
C HIS A 27 9.22 -21.53 -16.48
N PHE A 28 9.65 -20.44 -17.11
CA PHE A 28 8.87 -19.68 -18.10
C PHE A 28 7.57 -19.05 -17.57
N VAL A 29 7.36 -19.16 -16.26
CA VAL A 29 6.20 -18.59 -15.59
C VAL A 29 6.66 -17.28 -14.94
N ASP A 30 6.45 -16.17 -15.63
CA ASP A 30 6.83 -14.86 -15.10
C ASP A 30 5.59 -14.05 -14.73
N GLU A 31 4.44 -14.73 -14.74
CA GLU A 31 3.14 -14.13 -14.40
C GLU A 31 2.97 -14.17 -12.88
N TYR A 32 2.28 -13.17 -12.33
CA TYR A 32 2.07 -13.13 -10.89
C TYR A 32 0.83 -12.32 -10.52
N ASP A 33 -0.08 -12.95 -9.78
CA ASP A 33 -1.31 -12.31 -9.33
C ASP A 33 -1.31 -12.43 -7.81
N PRO A 34 -0.87 -11.37 -7.13
CA PRO A 34 -0.81 -11.30 -5.67
C PRO A 34 -2.15 -11.34 -4.95
N THR A 35 -3.16 -11.95 -5.56
CA THR A 35 -4.47 -12.00 -4.93
C THR A 35 -4.96 -13.42 -4.71
N ILE A 36 -4.44 -14.35 -5.51
CA ILE A 36 -4.81 -15.75 -5.42
C ILE A 36 -4.10 -16.40 -4.22
N GLU A 37 -4.70 -17.44 -3.64
CA GLU A 37 -4.08 -18.14 -2.52
C GLU A 37 -2.77 -18.80 -2.97
N ASP A 38 -2.68 -19.12 -4.25
CA ASP A 38 -1.50 -19.76 -4.83
C ASP A 38 -0.29 -18.83 -4.87
N SER A 39 -0.52 -17.54 -4.65
CA SER A 39 0.54 -16.54 -4.68
C SER A 39 1.41 -16.49 -3.43
N TYR A 40 0.90 -17.02 -2.32
CA TYR A 40 1.65 -17.02 -1.07
C TYR A 40 1.71 -18.38 -0.36
N ARG A 41 1.00 -19.37 -0.90
CA ARG A 41 0.96 -20.72 -0.34
C ARG A 41 1.43 -21.72 -1.39
N LYS A 42 2.47 -22.46 -1.05
CA LYS A 42 3.01 -23.45 -1.97
C LYS A 42 3.30 -24.74 -1.19
N GLN A 43 3.02 -25.88 -1.79
CA GLN A 43 3.31 -27.15 -1.12
C GLN A 43 4.59 -27.70 -1.74
N VAL A 44 5.54 -28.04 -0.89
CA VAL A 44 6.83 -28.56 -1.36
C VAL A 44 7.24 -29.84 -0.65
N VAL A 45 8.25 -30.50 -1.20
CA VAL A 45 8.77 -31.73 -0.62
C VAL A 45 10.17 -31.44 -0.10
N ILE A 46 10.33 -31.41 1.22
CA ILE A 46 11.62 -31.11 1.82
C ILE A 46 12.14 -32.30 2.64
N ASP A 47 13.27 -32.85 2.21
CA ASP A 47 13.90 -34.00 2.88
C ASP A 47 12.93 -35.19 2.95
N GLY A 48 12.23 -35.42 1.85
CA GLY A 48 11.27 -36.52 1.80
C GLY A 48 9.94 -36.18 2.45
N GLU A 49 9.94 -35.31 3.46
CA GLU A 49 8.71 -34.95 4.15
C GLU A 49 7.99 -33.78 3.47
N THR A 50 6.85 -34.08 2.87
CA THR A 50 6.05 -33.09 2.16
C THR A 50 5.30 -32.15 3.12
N CYS A 51 5.23 -30.86 2.76
CA CYS A 51 4.57 -29.87 3.61
C CYS A 51 4.06 -28.65 2.85
N LEU A 52 3.43 -27.74 3.59
CA LEU A 52 2.85 -26.52 3.05
C LEU A 52 3.49 -25.24 3.60
N LEU A 53 3.97 -24.42 2.68
CA LEU A 53 4.63 -23.15 3.01
C LEU A 53 3.66 -21.98 2.89
N ASP A 54 3.45 -21.25 3.98
CA ASP A 54 2.58 -20.07 3.97
C ASP A 54 3.51 -18.87 4.20
N ILE A 55 3.73 -18.09 3.14
CA ILE A 55 4.66 -16.97 3.18
C ILE A 55 4.08 -15.55 3.22
N LEU A 56 4.35 -14.83 4.30
CA LEU A 56 3.89 -13.45 4.47
C LEU A 56 4.99 -12.47 4.11
N ASP A 57 4.76 -11.70 3.06
CA ASP A 57 5.73 -10.72 2.61
C ASP A 57 4.99 -9.41 2.41
N THR A 58 4.91 -8.62 3.47
CA THR A 58 4.20 -7.34 3.44
C THR A 58 4.91 -6.19 2.70
N ALA A 59 5.73 -6.53 1.71
CA ALA A 59 6.45 -5.52 0.92
C ALA A 59 5.55 -4.37 0.45
N GLY A 60 6.07 -3.15 0.59
CA GLY A 60 5.32 -1.98 0.19
C GLY A 60 4.70 -1.30 1.40
N GLN A 61 4.54 -2.06 2.48
CA GLN A 61 3.94 -1.52 3.71
C GLN A 61 4.93 -1.10 4.82
N GLU A 62 6.19 -0.89 4.46
CA GLU A 62 7.22 -0.49 5.42
C GLU A 62 6.93 0.76 6.27
N GLU A 63 6.16 1.71 5.75
CA GLU A 63 5.88 2.92 6.52
C GLU A 63 4.95 2.63 7.67
N TYR A 64 4.24 1.52 7.58
CA TYR A 64 3.33 1.13 8.66
C TYR A 64 4.23 0.44 9.69
N SER A 65 5.17 1.21 10.24
CA SER A 65 6.10 0.70 11.22
C SER A 65 5.46 0.08 12.46
N ALA A 66 4.44 0.74 13.00
CA ALA A 66 3.75 0.27 14.19
C ALA A 66 2.95 -0.99 13.94
N MET A 67 2.97 -1.48 12.71
CA MET A 67 2.21 -2.68 12.34
C MET A 67 3.09 -3.92 12.23
N ARG A 68 4.40 -3.73 12.40
CA ARG A 68 5.38 -4.80 12.31
C ARG A 68 5.21 -5.90 13.36
N ASP A 69 5.01 -5.53 14.62
CA ASP A 69 4.83 -6.52 15.68
C ASP A 69 3.66 -7.42 15.33
N GLN A 70 2.54 -6.82 14.92
CA GLN A 70 1.36 -7.58 14.57
C GLN A 70 1.68 -8.62 13.51
N TYR A 71 2.23 -8.16 12.39
CA TYR A 71 2.59 -9.03 11.27
C TYR A 71 3.59 -10.12 11.67
N MET A 72 4.61 -9.73 12.43
CA MET A 72 5.66 -10.65 12.86
C MET A 72 5.15 -11.75 13.76
N ARG A 73 4.15 -11.42 14.55
CA ARG A 73 3.57 -12.36 15.49
C ARG A 73 2.98 -13.59 14.80
N THR A 74 2.46 -13.39 13.60
CA THR A 74 1.84 -14.45 12.84
C THR A 74 2.73 -15.63 12.45
N GLY A 75 4.04 -15.40 12.35
CA GLY A 75 4.93 -16.47 11.92
C GLY A 75 5.69 -17.31 12.93
N GLU A 76 6.18 -18.46 12.48
CA GLU A 76 6.96 -19.33 13.34
C GLU A 76 8.40 -19.46 12.85
N GLY A 77 8.69 -18.79 11.74
CA GLY A 77 10.03 -18.81 11.15
C GLY A 77 10.22 -17.54 10.36
N PHE A 78 11.44 -16.98 10.36
CA PHE A 78 11.67 -15.73 9.65
C PHE A 78 12.84 -15.65 8.67
N LEU A 79 12.65 -14.88 7.60
CA LEU A 79 13.70 -14.65 6.62
C LEU A 79 14.09 -13.19 6.69
N CYS A 80 15.24 -12.89 7.28
CA CYS A 80 15.71 -11.50 7.38
C CYS A 80 16.48 -11.21 6.10
N VAL A 81 15.86 -10.43 5.24
CA VAL A 81 16.43 -10.13 3.94
C VAL A 81 17.05 -8.75 3.79
N PHE A 82 18.22 -8.72 3.16
CA PHE A 82 18.92 -7.46 2.90
C PHE A 82 19.45 -7.54 1.47
N ALA A 83 19.75 -6.37 0.90
CA ALA A 83 20.27 -6.35 -0.46
C ALA A 83 21.79 -6.23 -0.42
N ILE A 84 22.44 -7.16 -1.12
CA ILE A 84 23.89 -7.22 -1.21
C ILE A 84 24.53 -5.95 -1.78
N ASN A 85 23.72 -5.10 -2.42
CA ASN A 85 24.22 -3.86 -2.99
C ASN A 85 23.78 -2.62 -2.22
N ASN A 86 23.09 -2.81 -1.09
CA ASN A 86 22.62 -1.70 -0.26
C ASN A 86 23.05 -1.98 1.19
N THR A 87 24.14 -1.32 1.62
CA THR A 87 24.67 -1.49 2.96
C THR A 87 23.68 -1.15 4.07
N LYS A 88 22.88 -0.12 3.86
CA LYS A 88 21.91 0.27 4.89
C LYS A 88 20.88 -0.82 5.13
N SER A 89 20.53 -1.57 4.08
CA SER A 89 19.56 -2.65 4.25
C SER A 89 20.23 -3.77 5.06
N PHE A 90 21.55 -3.80 5.03
CA PHE A 90 22.30 -4.79 5.79
C PHE A 90 22.38 -4.37 7.25
N GLU A 91 22.74 -3.12 7.48
CA GLU A 91 22.86 -2.62 8.87
C GLU A 91 21.52 -2.61 9.59
N ASP A 92 20.42 -2.64 8.84
CA ASP A 92 19.07 -2.64 9.40
C ASP A 92 18.68 -3.99 10.00
N ILE A 93 19.40 -5.04 9.60
CA ILE A 93 19.12 -6.38 10.06
C ILE A 93 19.12 -6.53 11.57
N HIS A 94 20.16 -6.02 12.22
CA HIS A 94 20.23 -6.14 13.67
C HIS A 94 18.95 -5.73 14.39
N GLN A 95 18.37 -4.60 14.02
CA GLN A 95 17.16 -4.14 14.69
C GLN A 95 15.93 -5.01 14.39
N TYR A 96 15.85 -5.53 13.16
CA TYR A 96 14.72 -6.39 12.81
C TYR A 96 14.76 -7.63 13.69
N ARG A 97 15.95 -8.23 13.82
CA ARG A 97 16.11 -9.42 14.65
C ARG A 97 15.70 -9.15 16.10
N GLU A 98 16.13 -8.02 16.67
CA GLU A 98 15.77 -7.68 18.03
C GLU A 98 14.27 -7.57 18.15
N GLN A 99 13.61 -7.19 17.07
CA GLN A 99 12.15 -7.04 17.07
C GLN A 99 11.47 -8.40 17.01
N ILE A 100 11.98 -9.28 16.17
CA ILE A 100 11.43 -10.62 16.06
C ILE A 100 11.56 -11.33 17.42
N LYS A 101 12.75 -11.26 18.03
CA LYS A 101 13.01 -11.87 19.32
C LYS A 101 12.04 -11.38 20.39
N ARG A 102 11.80 -10.07 20.40
CA ARG A 102 10.90 -9.47 21.35
C ARG A 102 9.45 -9.91 21.18
N VAL A 103 8.94 -9.99 19.95
CA VAL A 103 7.54 -10.36 19.76
C VAL A 103 7.22 -11.82 20.05
N LYS A 104 8.17 -12.68 19.74
CA LYS A 104 7.99 -14.11 19.97
C LYS A 104 8.52 -14.49 21.35
N ASP A 105 8.93 -13.48 22.13
CA ASP A 105 9.47 -13.66 23.49
C ASP A 105 10.41 -14.86 23.60
N SER A 106 11.51 -14.82 22.85
CA SER A 106 12.47 -15.91 22.82
C SER A 106 13.80 -15.49 22.18
N ASP A 107 14.91 -15.99 22.73
CA ASP A 107 16.22 -15.66 22.20
C ASP A 107 16.61 -16.53 21.02
N ASP A 108 15.92 -17.65 20.83
CA ASP A 108 16.22 -18.50 19.68
C ASP A 108 14.94 -18.83 18.92
N VAL A 109 14.71 -18.03 17.89
CA VAL A 109 13.55 -18.13 17.01
C VAL A 109 14.08 -18.64 15.69
N PRO A 110 13.39 -19.60 15.07
CA PRO A 110 13.88 -20.11 13.79
C PRO A 110 13.93 -19.00 12.74
N MET A 111 15.12 -18.59 12.37
CA MET A 111 15.28 -17.55 11.37
C MET A 111 16.53 -17.80 10.57
N VAL A 112 16.58 -17.18 9.40
CA VAL A 112 17.71 -17.31 8.49
C VAL A 112 18.00 -15.93 7.90
N LEU A 113 19.26 -15.64 7.64
CA LEU A 113 19.68 -14.36 7.06
C LEU A 113 19.89 -14.58 5.57
N VAL A 114 19.10 -13.90 4.74
CA VAL A 114 19.17 -14.01 3.27
C VAL A 114 19.68 -12.74 2.60
N GLY A 115 20.73 -12.88 1.80
CA GLY A 115 21.28 -11.75 1.09
C GLY A 115 20.93 -11.86 -0.38
N ASN A 116 20.08 -10.96 -0.85
CA ASN A 116 19.61 -10.98 -2.23
C ASN A 116 20.48 -10.13 -3.16
N LYS A 117 20.73 -10.64 -4.37
CA LYS A 117 21.57 -9.93 -5.33
C LYS A 117 20.84 -9.47 -6.59
N CYS A 118 21.11 -8.23 -6.99
CA CYS A 118 20.54 -7.62 -8.19
C CYS A 118 21.70 -7.35 -9.15
N ASP A 119 21.69 -8.02 -10.30
CA ASP A 119 22.76 -7.90 -11.30
C ASP A 119 23.08 -6.48 -11.79
N LEU A 120 22.17 -5.54 -11.54
CA LEU A 120 22.37 -4.16 -11.98
C LEU A 120 23.52 -3.44 -11.27
N ALA A 121 23.44 -3.33 -9.95
CA ALA A 121 24.45 -2.63 -9.15
C ALA A 121 25.63 -3.45 -8.62
N ALA A 122 26.53 -2.76 -7.92
CA ALA A 122 27.74 -3.34 -7.35
C ALA A 122 27.57 -3.80 -5.92
N ARG A 123 28.22 -4.90 -5.59
CA ARG A 123 28.17 -5.49 -4.25
C ARG A 123 28.87 -4.56 -3.26
N THR A 124 28.21 -4.27 -2.13
CA THR A 124 28.80 -3.42 -1.11
C THR A 124 28.84 -4.13 0.23
N VAL A 125 28.32 -5.36 0.26
CA VAL A 125 28.32 -6.19 1.45
C VAL A 125 28.96 -7.49 1.01
N GLU A 126 30.18 -7.73 1.46
CA GLU A 126 30.90 -8.94 1.09
C GLU A 126 30.35 -10.15 1.82
N SER A 127 30.44 -11.31 1.18
CA SER A 127 29.94 -12.55 1.77
C SER A 127 30.46 -12.76 3.20
N ARG A 128 31.74 -12.51 3.42
CA ARG A 128 32.35 -12.68 4.74
C ARG A 128 31.65 -11.88 5.85
N GLN A 129 31.40 -10.59 5.61
CA GLN A 129 30.74 -9.79 6.65
C GLN A 129 29.33 -10.25 6.96
N ALA A 130 28.64 -10.82 5.97
CA ALA A 130 27.29 -11.33 6.16
C ALA A 130 27.40 -12.70 6.80
N GLN A 131 28.49 -13.37 6.50
CA GLN A 131 28.76 -14.70 7.05
C GLN A 131 29.04 -14.53 8.54
N ASP A 132 29.90 -13.56 8.89
CA ASP A 132 30.25 -13.27 10.29
C ASP A 132 29.04 -12.86 11.11
N LEU A 133 28.17 -12.04 10.52
CA LEU A 133 26.98 -11.59 11.20
C LEU A 133 26.03 -12.75 11.48
N ALA A 134 25.95 -13.69 10.54
CA ALA A 134 25.07 -14.83 10.70
C ALA A 134 25.56 -15.71 11.85
N ARG A 135 26.88 -15.86 11.93
CA ARG A 135 27.45 -16.69 12.98
C ARG A 135 27.31 -16.06 14.36
N SER A 136 27.29 -14.73 14.42
CA SER A 136 27.13 -14.07 15.72
C SER A 136 25.71 -14.24 16.24
N TYR A 137 24.77 -14.53 15.33
CA TYR A 137 23.36 -14.75 15.69
C TYR A 137 23.08 -16.24 15.80
N GLY A 138 24.02 -17.05 15.32
CA GLY A 138 23.85 -18.49 15.37
C GLY A 138 22.77 -18.98 14.41
N ILE A 139 22.73 -18.37 13.23
CA ILE A 139 21.75 -18.72 12.21
C ILE A 139 22.47 -18.83 10.89
N PRO A 140 21.88 -19.56 9.93
CA PRO A 140 22.45 -19.76 8.58
C PRO A 140 22.39 -18.51 7.70
N TYR A 141 23.31 -18.41 6.75
CA TYR A 141 23.35 -17.30 5.81
C TYR A 141 23.16 -17.91 4.44
N ILE A 142 22.30 -17.30 3.62
CA ILE A 142 22.05 -17.81 2.28
C ILE A 142 21.98 -16.69 1.25
N GLU A 143 22.88 -16.73 0.27
CA GLU A 143 22.89 -15.72 -0.77
C GLU A 143 22.02 -16.22 -1.91
N THR A 144 21.32 -15.28 -2.55
CA THR A 144 20.40 -15.61 -3.63
C THR A 144 20.50 -14.58 -4.75
N SER A 145 20.11 -15.00 -5.95
CA SER A 145 20.10 -14.12 -7.11
C SER A 145 18.66 -13.84 -7.53
N ALA A 146 18.33 -12.58 -7.79
CA ALA A 146 16.98 -12.23 -8.22
C ALA A 146 16.80 -12.44 -9.73
N LYS A 147 17.92 -12.54 -10.44
CA LYS A 147 17.92 -12.71 -11.88
C LYS A 147 17.99 -14.16 -12.38
N THR A 148 18.58 -15.05 -11.58
CA THR A 148 18.75 -16.45 -11.98
C THR A 148 18.02 -17.48 -11.13
N ARG A 149 17.37 -17.02 -10.06
CA ARG A 149 16.66 -17.90 -9.13
C ARG A 149 17.62 -18.80 -8.32
N GLN A 150 18.94 -18.60 -8.49
CA GLN A 150 19.92 -19.38 -7.75
C GLN A 150 19.83 -19.05 -6.25
N GLY A 151 19.73 -20.08 -5.43
CA GLY A 151 19.67 -19.88 -3.99
C GLY A 151 18.30 -19.74 -3.35
N VAL A 152 17.29 -19.36 -4.14
CA VAL A 152 15.94 -19.17 -3.61
C VAL A 152 15.37 -20.34 -2.82
N GLU A 153 15.40 -21.55 -3.40
CA GLU A 153 14.89 -22.72 -2.69
C GLU A 153 15.67 -22.92 -1.40
N ASP A 154 16.98 -23.07 -1.54
CA ASP A 154 17.88 -23.26 -0.41
C ASP A 154 17.51 -22.33 0.76
N ALA A 155 17.24 -21.07 0.44
CA ALA A 155 16.86 -20.09 1.45
C ALA A 155 15.64 -20.56 2.24
N PHE A 156 14.54 -20.83 1.53
CA PHE A 156 13.31 -21.28 2.17
C PHE A 156 13.40 -22.66 2.80
N TYR A 157 13.93 -23.64 2.08
CA TYR A 157 14.05 -24.99 2.65
C TYR A 157 14.91 -24.95 3.92
N THR A 158 15.98 -24.14 3.93
CA THR A 158 16.83 -24.04 5.10
C THR A 158 16.01 -23.57 6.30
N LEU A 159 15.16 -22.55 6.11
CA LEU A 159 14.35 -22.04 7.22
C LEU A 159 13.44 -23.14 7.78
N VAL A 160 12.86 -23.94 6.88
CA VAL A 160 11.98 -25.02 7.29
C VAL A 160 12.74 -25.99 8.20
N ARG A 161 13.94 -26.36 7.77
CA ARG A 161 14.79 -27.27 8.53
C ARG A 161 15.08 -26.67 9.92
N GLU A 162 15.29 -25.36 9.98
CA GLU A 162 15.55 -24.69 11.25
C GLU A 162 14.36 -24.82 12.19
N ILE A 163 13.15 -24.87 11.63
CA ILE A 163 11.94 -25.00 12.42
C ILE A 163 11.80 -26.44 12.94
N ARG A 164 11.99 -27.40 12.05
CA ARG A 164 11.89 -28.81 12.42
C ARG A 164 12.90 -29.18 13.51
N GLN A 165 14.15 -28.77 13.32
CA GLN A 165 15.20 -29.05 14.28
C GLN A 165 15.15 -28.16 15.52
N HIS A 166 13.97 -27.62 15.78
CA HIS A 166 13.77 -26.74 16.92
C HIS A 166 12.72 -27.34 17.87
N ARG B 1 -8.55 -0.28 -47.05
CA ARG B 1 -8.01 1.03 -47.55
C ARG B 1 -6.58 0.88 -48.06
N LEU B 2 -5.90 2.02 -48.23
CA LEU B 2 -4.53 2.04 -48.72
C LEU B 2 -3.72 3.14 -48.04
N PRO B 3 -3.12 2.85 -46.87
CA PRO B 3 -2.31 3.82 -46.12
C PRO B 3 -0.95 4.10 -46.76
N SER B 4 -0.16 4.96 -46.13
CA SER B 4 1.15 5.33 -46.64
C SER B 4 2.18 4.21 -46.71
N ALA B 5 3.35 4.54 -47.23
CA ALA B 5 4.46 3.59 -47.43
C ALA B 5 5.19 3.00 -46.21
N ASP B 6 4.70 3.24 -45.00
CA ASP B 6 5.34 2.72 -43.78
C ASP B 6 6.65 3.44 -43.45
N VAL B 7 7.29 4.02 -44.47
CA VAL B 7 8.53 4.79 -44.32
C VAL B 7 8.13 6.25 -44.02
N TYR B 8 6.85 6.46 -43.72
CA TYR B 8 6.28 7.76 -43.39
C TYR B 8 5.10 7.57 -42.43
N ARG B 9 5.02 6.42 -41.75
CA ARG B 9 3.87 6.16 -40.89
C ARG B 9 3.92 5.08 -39.78
N PHE B 10 2.70 4.82 -39.27
CA PHE B 10 2.38 3.81 -38.26
C PHE B 10 1.74 2.71 -39.10
N ALA B 11 1.92 2.82 -40.41
CA ALA B 11 1.38 1.91 -41.41
C ALA B 11 1.76 0.44 -41.27
N GLU B 12 2.79 0.14 -40.46
CA GLU B 12 3.21 -1.24 -40.27
C GLU B 12 1.99 -2.05 -39.84
N PRO B 13 1.68 -3.11 -40.59
CA PRO B 13 0.52 -3.96 -40.27
C PRO B 13 0.74 -4.85 -39.05
N ASP B 14 -0.36 -5.15 -38.36
CA ASP B 14 -0.34 -5.99 -37.18
C ASP B 14 0.30 -7.33 -37.49
N SER B 15 1.13 -7.81 -36.57
CA SER B 15 1.81 -9.11 -36.69
C SER B 15 2.08 -9.62 -35.29
N GLU B 16 2.78 -10.73 -35.18
CA GLU B 16 3.09 -11.28 -33.87
C GLU B 16 4.29 -10.54 -33.28
N GLU B 17 4.91 -9.69 -34.09
CA GLU B 17 6.04 -8.88 -33.67
C GLU B 17 5.58 -7.45 -33.36
N ASN B 18 4.26 -7.23 -33.41
CA ASN B 18 3.65 -5.91 -33.17
C ASN B 18 2.74 -5.83 -31.97
N ILE B 19 1.69 -6.64 -32.00
CA ILE B 19 0.69 -6.66 -30.93
C ILE B 19 0.28 -8.09 -30.65
N ILE B 20 -0.10 -8.33 -29.40
CA ILE B 20 -0.58 -9.62 -28.94
C ILE B 20 -1.83 -9.27 -28.15
N PHE B 21 -2.91 -10.01 -28.35
CA PHE B 21 -4.14 -9.72 -27.64
C PHE B 21 -4.42 -10.76 -26.57
N GLU B 22 -5.26 -10.38 -25.61
CA GLU B 22 -5.62 -11.26 -24.53
C GLU B 22 -6.60 -12.31 -25.07
N GLU B 23 -6.37 -13.56 -24.71
CA GLU B 23 -7.20 -14.68 -25.15
C GLU B 23 -8.39 -14.89 -24.21
N GLY B 30 -16.77 -6.00 -27.12
CA GLY B 30 -16.48 -6.35 -28.54
C GLY B 30 -15.07 -5.95 -28.94
N ILE B 31 -14.54 -4.93 -28.27
CA ILE B 31 -13.19 -4.41 -28.52
C ILE B 31 -12.13 -5.40 -28.05
N PRO B 32 -11.08 -5.63 -28.85
CA PRO B 32 -9.99 -6.55 -28.52
C PRO B 32 -9.12 -5.98 -27.39
N ILE B 33 -8.85 -6.82 -26.39
CA ILE B 33 -8.01 -6.38 -25.27
C ILE B 33 -6.54 -6.65 -25.59
N ILE B 34 -5.72 -5.60 -25.55
CA ILE B 34 -4.29 -5.72 -25.83
C ILE B 34 -3.51 -6.33 -24.67
N LYS B 35 -2.55 -7.19 -24.99
CA LYS B 35 -1.72 -7.83 -23.97
C LYS B 35 -0.37 -7.13 -23.98
N ALA B 36 0.17 -6.93 -25.18
CA ALA B 36 1.45 -6.27 -25.33
C ALA B 36 1.60 -5.70 -26.73
N GLY B 37 2.62 -4.85 -26.90
CA GLY B 37 2.88 -4.24 -28.20
C GLY B 37 3.86 -3.09 -28.16
N THR B 38 4.39 -2.75 -29.33
CA THR B 38 5.33 -1.64 -29.49
C THR B 38 4.63 -0.34 -29.11
N VAL B 39 5.38 0.65 -28.64
CA VAL B 39 4.80 1.94 -28.27
C VAL B 39 4.05 2.50 -29.48
N ILE B 40 4.55 2.19 -30.67
CA ILE B 40 3.97 2.61 -31.94
C ILE B 40 2.58 2.02 -32.12
N LYS B 41 2.50 0.70 -32.08
CA LYS B 41 1.26 -0.03 -32.23
C LYS B 41 0.28 0.24 -31.07
N LEU B 42 0.84 0.52 -29.91
CA LEU B 42 0.04 0.79 -28.72
C LEU B 42 -0.70 2.11 -28.91
N ILE B 43 0.03 3.13 -29.35
CA ILE B 43 -0.53 4.45 -29.62
C ILE B 43 -1.47 4.45 -30.82
N GLU B 44 -1.26 3.49 -31.73
CA GLU B 44 -2.10 3.35 -32.89
C GLU B 44 -3.48 2.92 -32.40
N ARG B 45 -3.52 1.88 -31.56
CA ARG B 45 -4.78 1.37 -31.00
C ARG B 45 -5.43 2.34 -30.01
N LEU B 46 -4.65 3.29 -29.53
CA LEU B 46 -5.12 4.30 -28.58
C LEU B 46 -5.85 5.37 -29.36
N THR B 47 -5.59 5.38 -30.67
CA THR B 47 -6.16 6.35 -31.61
C THR B 47 -6.59 5.54 -32.86
N TYR B 48 -7.22 4.40 -32.62
CA TYR B 48 -7.64 3.52 -33.72
C TYR B 48 -8.75 4.12 -34.59
N HIS B 49 -8.61 3.95 -35.90
CA HIS B 49 -9.60 4.47 -36.85
C HIS B 49 -10.89 3.67 -36.87
N MET B 50 -10.79 2.36 -36.63
CA MET B 50 -11.95 1.49 -36.62
C MET B 50 -12.96 1.86 -35.54
N TYR B 51 -12.48 2.00 -34.31
CA TYR B 51 -13.33 2.34 -33.17
C TYR B 51 -12.63 3.18 -32.11
N ALA B 52 -13.42 3.70 -31.16
CA ALA B 52 -12.87 4.49 -30.06
C ALA B 52 -12.77 3.57 -28.85
N ASP B 53 -11.72 3.74 -28.07
CA ASP B 53 -11.49 2.89 -26.90
C ASP B 53 -11.28 3.75 -25.66
N PRO B 54 -12.35 4.37 -25.12
CA PRO B 54 -12.27 5.22 -23.93
C PRO B 54 -11.66 4.56 -22.69
N ASN B 55 -11.83 3.24 -22.56
CA ASN B 55 -11.28 2.50 -21.42
C ASN B 55 -9.77 2.31 -21.56
N PHE B 56 -9.33 2.03 -22.78
CA PHE B 56 -7.91 1.85 -23.06
C PHE B 56 -7.18 3.19 -22.93
N VAL B 57 -7.89 4.28 -23.21
CA VAL B 57 -7.32 5.63 -23.10
C VAL B 57 -7.18 6.04 -21.64
N ARG B 58 -8.12 5.59 -20.81
CA ARG B 58 -8.11 5.89 -19.38
C ARG B 58 -6.99 5.13 -18.68
N THR B 59 -6.76 3.90 -19.12
CA THR B 59 -5.74 3.04 -18.54
C THR B 59 -4.33 3.44 -18.98
N PHE B 60 -4.19 3.76 -20.26
CA PHE B 60 -2.90 4.16 -20.83
C PHE B 60 -2.40 5.46 -20.22
N LEU B 61 -3.28 6.46 -20.08
CA LEU B 61 -2.85 7.72 -19.52
C LEU B 61 -2.58 7.67 -18.03
N THR B 62 -2.93 6.54 -17.41
CA THR B 62 -2.71 6.36 -15.99
C THR B 62 -1.43 5.58 -15.71
N THR B 63 -1.01 4.75 -16.67
CA THR B 63 0.16 3.92 -16.47
C THR B 63 1.29 3.96 -17.49
N TYR B 64 1.26 4.88 -18.44
CA TYR B 64 2.29 4.95 -19.49
C TYR B 64 3.70 5.41 -19.12
N ARG B 65 3.80 6.26 -18.10
CA ARG B 65 5.09 6.81 -17.68
C ARG B 65 6.16 5.78 -17.31
N SER B 66 5.76 4.51 -17.22
CA SER B 66 6.69 3.44 -16.89
C SER B 66 7.35 2.80 -18.12
N PHE B 67 6.84 3.14 -19.31
CA PHE B 67 7.41 2.61 -20.54
C PHE B 67 7.56 3.67 -21.62
N CYS B 68 7.17 4.91 -21.28
CA CYS B 68 7.25 6.03 -22.20
C CYS B 68 7.28 7.30 -21.37
N LYS B 69 8.09 8.27 -21.79
CA LYS B 69 8.20 9.55 -21.08
C LYS B 69 7.17 10.53 -21.65
N PRO B 70 6.57 11.39 -20.80
CA PRO B 70 5.57 12.36 -21.26
C PRO B 70 5.95 13.09 -22.54
N GLN B 71 7.21 13.54 -22.62
CA GLN B 71 7.69 14.24 -23.81
C GLN B 71 7.66 13.37 -25.06
N GLU B 72 8.00 12.10 -24.91
CA GLU B 72 8.01 11.15 -26.01
C GLU B 72 6.60 10.84 -26.48
N LEU B 73 5.66 10.85 -25.54
CA LEU B 73 4.25 10.56 -25.81
C LEU B 73 3.67 11.67 -26.67
N LEU B 74 3.93 12.92 -26.31
CA LEU B 74 3.42 14.04 -27.08
C LEU B 74 3.96 14.00 -28.50
N SER B 75 5.23 13.63 -28.63
CA SER B 75 5.88 13.53 -29.94
C SER B 75 5.25 12.43 -30.78
N LEU B 76 4.97 11.30 -30.17
CA LEU B 76 4.35 10.17 -30.86
C LEU B 76 2.92 10.52 -31.29
N ILE B 77 2.22 11.26 -30.44
CA ILE B 77 0.85 11.69 -30.69
C ILE B 77 0.83 12.64 -31.87
N ILE B 78 1.80 13.56 -31.90
CA ILE B 78 1.91 14.53 -32.98
C ILE B 78 2.27 13.79 -34.27
N GLU B 79 3.17 12.81 -34.18
CA GLU B 79 3.56 12.02 -35.34
C GLU B 79 2.37 11.20 -35.85
N ARG B 80 1.42 10.88 -34.95
CA ARG B 80 0.23 10.11 -35.32
C ARG B 80 -0.82 10.99 -36.01
N PHE B 81 -0.85 12.27 -35.63
CA PHE B 81 -1.80 13.23 -36.18
C PHE B 81 -1.47 13.63 -37.60
N GLU B 82 -0.20 13.97 -37.83
CA GLU B 82 0.30 14.39 -39.14
C GLU B 82 0.40 13.25 -40.14
N ILE B 83 -0.75 12.84 -40.64
CA ILE B 83 -0.88 11.75 -41.60
C ILE B 83 -0.70 12.21 -43.04
N PRO B 84 0.22 11.57 -43.78
CA PRO B 84 0.49 11.90 -45.18
C PRO B 84 -0.43 11.09 -46.09
N GLU B 85 -0.87 11.69 -47.20
CA GLU B 85 -1.75 11.02 -48.16
C GLU B 85 -0.89 10.15 -49.10
N PRO B 86 -1.45 9.02 -49.58
CA PRO B 86 -0.75 8.10 -50.48
C PRO B 86 -0.43 8.71 -51.84
N ARG B 109 -9.03 11.12 -50.90
CA ARG B 109 -9.83 9.98 -51.44
C ARG B 109 -10.70 9.35 -50.35
N PHE B 110 -10.50 8.06 -50.10
CA PHE B 110 -11.23 7.31 -49.09
C PHE B 110 -10.73 7.70 -47.69
N ARG B 111 -9.74 8.59 -47.65
CA ARG B 111 -9.15 9.08 -46.41
C ARG B 111 -10.01 10.15 -45.74
N LYS B 112 -11.19 9.70 -45.33
CA LYS B 112 -12.20 10.50 -44.64
C LYS B 112 -12.71 9.53 -43.56
N GLU B 113 -12.43 8.25 -43.78
CA GLU B 113 -12.78 7.19 -42.84
C GLU B 113 -11.47 6.70 -42.17
N TYR B 114 -10.41 7.49 -42.34
CA TYR B 114 -9.10 7.22 -41.73
C TYR B 114 -8.45 8.47 -41.17
N ILE B 115 -8.29 9.50 -42.01
CA ILE B 115 -7.67 10.73 -41.54
C ILE B 115 -8.57 11.54 -40.59
N GLN B 116 -9.86 11.59 -40.89
CA GLN B 116 -10.79 12.33 -40.05
C GLN B 116 -10.96 11.71 -38.66
N PRO B 117 -11.16 10.38 -38.58
CA PRO B 117 -11.31 9.75 -37.27
C PRO B 117 -10.02 9.60 -36.44
N VAL B 118 -8.89 9.38 -37.11
CA VAL B 118 -7.62 9.25 -36.39
C VAL B 118 -7.25 10.57 -35.72
N GLN B 119 -7.38 11.67 -36.47
CA GLN B 119 -7.08 12.98 -35.92
C GLN B 119 -8.02 13.29 -34.75
N LEU B 120 -9.22 12.74 -34.81
CA LEU B 120 -10.23 12.93 -33.78
C LEU B 120 -9.80 12.25 -32.48
N ARG B 121 -9.44 10.98 -32.57
CA ARG B 121 -9.01 10.20 -31.41
C ARG B 121 -7.76 10.84 -30.78
N VAL B 122 -6.83 11.32 -31.61
CA VAL B 122 -5.62 11.96 -31.11
C VAL B 122 -5.99 13.13 -30.22
N LEU B 123 -6.92 13.95 -30.67
CA LEU B 123 -7.35 15.11 -29.92
C LEU B 123 -8.16 14.77 -28.65
N ASN B 124 -8.86 13.64 -28.66
CA ASN B 124 -9.63 13.21 -27.49
C ASN B 124 -8.69 12.70 -26.41
N VAL B 125 -7.51 12.24 -26.84
CA VAL B 125 -6.48 11.76 -25.93
C VAL B 125 -5.84 12.98 -25.28
N CYS B 126 -5.56 14.00 -26.09
CA CYS B 126 -4.97 15.23 -25.59
C CYS B 126 -5.90 15.82 -24.52
N ARG B 127 -7.22 15.80 -24.79
CA ARG B 127 -8.21 16.33 -23.85
C ARG B 127 -8.19 15.59 -22.52
N HIS B 128 -8.19 14.26 -22.61
CA HIS B 128 -8.18 13.38 -21.44
C HIS B 128 -6.89 13.59 -20.63
N TRP B 129 -5.79 13.78 -21.35
CA TRP B 129 -4.49 14.00 -20.74
C TRP B 129 -4.50 15.28 -19.92
N VAL B 130 -4.89 16.37 -20.56
CA VAL B 130 -4.94 17.68 -19.90
C VAL B 130 -5.99 17.77 -18.79
N GLU B 131 -7.06 17.00 -18.93
CA GLU B 131 -8.15 17.00 -17.97
C GLU B 131 -7.86 16.19 -16.70
N HIS B 132 -7.52 14.92 -16.87
CA HIS B 132 -7.25 14.01 -15.75
C HIS B 132 -5.80 13.83 -15.29
N HIS B 133 -4.86 14.35 -16.07
CA HIS B 133 -3.45 14.19 -15.70
C HIS B 133 -2.65 15.47 -15.88
N PHE B 134 -3.22 16.58 -15.45
CA PHE B 134 -2.53 17.86 -15.61
C PHE B 134 -1.21 17.97 -14.88
N TYR B 135 -0.98 17.10 -13.90
CA TYR B 135 0.28 17.14 -13.15
C TYR B 135 1.49 17.00 -14.08
N ASP B 136 1.31 16.30 -15.19
CA ASP B 136 2.37 16.13 -16.17
C ASP B 136 2.81 17.48 -16.73
N PHE B 137 1.84 18.39 -16.88
CA PHE B 137 2.11 19.73 -17.42
C PHE B 137 2.53 20.75 -16.37
N GLU B 138 2.17 20.51 -15.11
CA GLU B 138 2.55 21.42 -14.03
C GLU B 138 4.03 21.19 -13.72
N ARG B 139 4.47 19.96 -14.00
CA ARG B 139 5.84 19.55 -13.74
C ARG B 139 6.83 19.81 -14.87
N ASP B 140 6.33 20.14 -16.06
CA ASP B 140 7.19 20.42 -17.20
C ASP B 140 6.58 21.51 -18.08
N ALA B 141 6.99 22.74 -17.83
CA ALA B 141 6.49 23.90 -18.57
C ALA B 141 6.60 23.73 -20.08
N TYR B 142 7.71 23.16 -20.54
CA TYR B 142 7.90 22.95 -21.96
C TYR B 142 6.91 21.95 -22.53
N LEU B 143 6.51 20.96 -21.73
CA LEU B 143 5.56 19.97 -22.19
C LEU B 143 4.24 20.68 -22.51
N LEU B 144 3.85 21.62 -21.67
CA LEU B 144 2.62 22.38 -21.87
C LEU B 144 2.74 23.22 -23.12
N GLN B 145 3.89 23.89 -23.27
CA GLN B 145 4.15 24.73 -24.44
C GLN B 145 3.96 23.93 -25.73
N ARG B 146 4.63 22.80 -25.86
CA ARG B 146 4.51 21.95 -27.04
C ARG B 146 3.06 21.58 -27.30
N MET B 147 2.28 21.41 -26.22
CA MET B 147 0.87 21.07 -26.32
C MET B 147 0.06 22.24 -26.84
N GLU B 148 0.38 23.44 -26.35
CA GLU B 148 -0.33 24.65 -26.77
C GLU B 148 0.03 25.01 -28.23
N GLU B 149 1.27 24.73 -28.63
CA GLU B 149 1.73 24.97 -29.98
C GLU B 149 1.03 23.98 -30.91
N PHE B 150 0.94 22.73 -30.47
CA PHE B 150 0.28 21.68 -31.25
C PHE B 150 -1.21 21.92 -31.42
N ILE B 151 -1.87 22.32 -30.34
CA ILE B 151 -3.31 22.61 -30.37
C ILE B 151 -3.54 23.73 -31.38
N GLY B 152 -2.66 24.74 -31.35
CA GLY B 152 -2.77 25.86 -32.27
C GLY B 152 -2.36 25.54 -33.71
N THR B 153 -1.98 24.30 -33.96
CA THR B 153 -1.59 23.84 -35.29
C THR B 153 -2.76 23.17 -36.03
N VAL B 154 -3.88 22.99 -35.33
CA VAL B 154 -5.06 22.37 -35.93
C VAL B 154 -5.56 23.22 -37.10
N ARG B 155 -5.74 22.56 -38.25
CA ARG B 155 -6.18 23.23 -39.47
C ARG B 155 -7.68 23.33 -39.68
N GLY B 156 -8.36 22.18 -39.67
CA GLY B 156 -9.81 22.15 -39.88
C GLY B 156 -10.63 23.30 -39.33
N LYS B 157 -11.28 24.04 -40.23
CA LYS B 157 -12.12 25.19 -39.87
C LYS B 157 -13.19 24.79 -38.86
N ALA B 158 -13.68 23.55 -38.99
CA ALA B 158 -14.68 23.02 -38.09
C ALA B 158 -13.99 22.47 -36.85
N MET B 159 -12.83 21.86 -37.04
CA MET B 159 -12.07 21.29 -35.92
C MET B 159 -11.62 22.33 -34.90
N LYS B 160 -11.28 23.53 -35.36
CA LYS B 160 -10.84 24.59 -34.46
C LYS B 160 -11.91 24.90 -33.42
N LYS B 161 -13.17 24.99 -33.86
CA LYS B 161 -14.28 25.29 -32.97
C LYS B 161 -14.48 24.17 -31.93
N TRP B 162 -14.15 22.95 -32.31
CA TRP B 162 -14.28 21.80 -31.43
C TRP B 162 -13.09 21.75 -30.46
N VAL B 163 -11.91 22.10 -30.97
CA VAL B 163 -10.66 22.13 -30.21
C VAL B 163 -10.60 23.26 -29.17
N GLU B 164 -11.54 24.20 -29.26
CA GLU B 164 -11.61 25.30 -28.31
C GLU B 164 -11.98 24.76 -26.94
N SER B 165 -12.66 23.62 -26.93
CA SER B 165 -13.08 23.00 -25.67
C SER B 165 -11.86 22.49 -24.93
N ILE B 166 -10.84 22.05 -25.66
CA ILE B 166 -9.58 21.56 -25.08
C ILE B 166 -8.81 22.73 -24.47
N THR B 167 -8.76 23.83 -25.20
CA THR B 167 -8.08 25.04 -24.78
C THR B 167 -8.70 25.58 -23.48
N LYS B 168 -10.01 25.49 -23.37
CA LYS B 168 -10.74 25.96 -22.19
C LYS B 168 -10.33 25.18 -20.95
N ILE B 169 -10.15 23.87 -21.11
CA ILE B 169 -9.73 23.00 -20.00
C ILE B 169 -8.34 23.42 -19.52
N ILE B 170 -7.43 23.68 -20.46
CA ILE B 170 -6.07 24.10 -20.11
C ILE B 170 -6.10 25.40 -19.29
N GLN B 171 -6.80 26.41 -19.79
CA GLN B 171 -6.89 27.69 -19.09
C GLN B 171 -7.50 27.55 -17.69
N ARG B 172 -8.40 26.58 -17.54
CA ARG B 172 -9.06 26.31 -16.26
C ARG B 172 -8.08 25.78 -15.22
N LYS B 173 -7.20 24.87 -15.65
CA LYS B 173 -6.20 24.25 -14.78
C LYS B 173 -5.08 25.19 -14.33
N LYS B 174 -5.21 26.47 -14.62
CA LYS B 174 -4.20 27.47 -14.26
C LYS B 174 -4.80 28.70 -13.56
N ILE B 185 -23.78 17.72 -1.57
CA ILE B 185 -24.41 16.41 -1.25
C ILE B 185 -25.35 16.58 -0.06
N THR B 186 -26.65 16.51 -0.33
CA THR B 186 -27.67 16.64 0.72
C THR B 186 -28.06 15.28 1.26
N PHE B 187 -27.74 15.03 2.52
CA PHE B 187 -28.06 13.76 3.17
C PHE B 187 -29.55 13.69 3.50
N GLN B 188 -30.06 12.47 3.66
CA GLN B 188 -31.47 12.27 4.01
C GLN B 188 -31.78 12.99 5.31
N SER B 189 -31.29 12.44 6.41
CA SER B 189 -31.48 13.03 7.73
C SER B 189 -30.31 13.94 8.06
N SER B 190 -30.52 14.82 9.02
CA SER B 190 -29.47 15.74 9.46
C SER B 190 -28.47 14.90 10.25
N PRO B 191 -27.15 15.08 10.00
CA PRO B 191 -26.10 14.31 10.70
C PRO B 191 -26.26 14.38 12.22
N PRO B 192 -26.02 13.25 12.91
CA PRO B 192 -26.13 13.15 14.37
C PRO B 192 -25.38 14.22 15.15
N THR B 193 -25.92 14.55 16.33
CA THR B 193 -25.34 15.56 17.22
C THR B 193 -23.95 15.19 17.74
N VAL B 194 -23.08 16.19 17.82
CA VAL B 194 -21.73 16.02 18.35
C VAL B 194 -21.86 15.59 19.79
N GLU B 195 -21.34 14.41 20.10
CA GLU B 195 -21.40 13.86 21.45
C GLU B 195 -20.29 14.45 22.34
N TRP B 196 -20.61 14.72 23.60
CA TRP B 196 -19.65 15.27 24.55
C TRP B 196 -19.68 14.49 25.87
N HIS B 197 -18.54 14.46 26.57
CA HIS B 197 -18.42 13.76 27.85
C HIS B 197 -17.96 14.70 28.97
N ILE B 198 -16.80 14.39 29.57
CA ILE B 198 -16.26 15.20 30.67
C ILE B 198 -15.77 16.56 30.21
N SER B 199 -15.17 16.61 29.03
CA SER B 199 -14.69 17.88 28.50
C SER B 199 -15.83 18.63 27.82
N ARG B 200 -15.90 19.93 28.09
CA ARG B 200 -16.93 20.78 27.50
C ARG B 200 -16.38 21.42 26.23
N PRO B 201 -17.24 21.68 25.24
CA PRO B 201 -16.78 22.30 23.98
C PRO B 201 -15.99 23.57 24.22
N GLY B 202 -14.78 23.62 23.65
CA GLY B 202 -13.93 24.78 23.81
C GLY B 202 -12.78 24.58 24.79
N HIS B 203 -12.93 23.63 25.71
CA HIS B 203 -11.89 23.35 26.70
C HIS B 203 -10.81 22.42 26.15
N ILE B 204 -10.02 22.94 25.22
CA ILE B 204 -8.93 22.19 24.57
C ILE B 204 -7.97 21.56 25.56
N GLU B 205 -7.53 22.34 26.54
CA GLU B 205 -6.58 21.90 27.56
C GLU B 205 -6.97 20.56 28.18
N THR B 206 -8.26 20.37 28.39
CA THR B 206 -8.81 19.15 29.00
C THR B 206 -8.90 17.94 28.09
N PHE B 207 -8.91 18.16 26.77
CA PHE B 207 -9.02 17.07 25.81
C PHE B 207 -8.00 15.95 26.05
N ASP B 208 -8.48 14.70 26.03
CA ASP B 208 -7.66 13.53 26.24
C ASP B 208 -8.53 12.29 25.95
N LEU B 209 -7.91 11.10 25.95
CA LEU B 209 -8.61 9.85 25.63
C LEU B 209 -9.86 9.49 26.44
N LEU B 210 -9.91 9.91 27.71
CA LEU B 210 -11.05 9.60 28.56
C LEU B 210 -11.94 10.79 28.82
N THR B 211 -11.46 11.98 28.46
CA THR B 211 -12.22 13.20 28.67
C THR B 211 -13.21 13.45 27.54
N LEU B 212 -12.79 13.12 26.32
CA LEU B 212 -13.68 13.28 25.17
C LEU B 212 -14.63 12.11 25.18
N HIS B 213 -15.72 12.23 24.44
CA HIS B 213 -16.70 11.16 24.35
C HIS B 213 -16.14 10.12 23.39
N PRO B 214 -16.16 8.84 23.78
CA PRO B 214 -15.64 7.80 22.89
C PRO B 214 -16.24 7.80 21.49
N ILE B 215 -17.54 8.09 21.38
CA ILE B 215 -18.19 8.12 20.06
C ILE B 215 -17.63 9.24 19.21
N GLU B 216 -17.43 10.41 19.81
CA GLU B 216 -16.90 11.53 19.06
C GLU B 216 -15.45 11.32 18.62
N ILE B 217 -14.66 10.61 19.44
CA ILE B 217 -13.27 10.34 19.11
C ILE B 217 -13.24 9.55 17.82
N ALA B 218 -13.98 8.46 17.78
CA ALA B 218 -14.06 7.63 16.58
C ALA B 218 -14.62 8.41 15.39
N ARG B 219 -15.59 9.28 15.65
CA ARG B 219 -16.18 10.07 14.58
C ARG B 219 -15.18 11.03 13.95
N GLN B 220 -14.49 11.80 14.78
CA GLN B 220 -13.51 12.75 14.27
C GLN B 220 -12.29 12.09 13.64
N LEU B 221 -11.89 10.93 14.16
CA LEU B 221 -10.76 10.22 13.60
C LEU B 221 -11.16 9.65 12.25
N THR B 222 -12.45 9.35 12.10
CA THR B 222 -12.95 8.82 10.85
C THR B 222 -12.98 9.91 9.77
N LEU B 223 -13.41 11.12 10.16
CA LEU B 223 -13.41 12.24 9.24
C LEU B 223 -11.97 12.55 8.79
N LEU B 224 -11.06 12.64 9.77
CA LEU B 224 -9.64 12.89 9.51
C LEU B 224 -9.09 11.84 8.58
N GLU B 225 -9.33 10.59 8.95
CA GLU B 225 -8.84 9.46 8.18
C GLU B 225 -9.50 9.30 6.82
N SER B 226 -10.72 9.79 6.67
CA SER B 226 -11.43 9.72 5.40
C SER B 226 -10.84 10.76 4.45
N ASP B 227 -10.63 11.98 4.94
CA ASP B 227 -10.04 13.02 4.14
C ASP B 227 -8.67 12.57 3.65
N LEU B 228 -7.85 12.09 4.59
CA LEU B 228 -6.51 11.61 4.28
C LEU B 228 -6.54 10.55 3.20
N TYR B 229 -7.50 9.64 3.30
CA TYR B 229 -7.65 8.57 2.32
C TYR B 229 -8.08 9.11 0.96
N ARG B 230 -9.05 10.01 0.95
CA ARG B 230 -9.58 10.58 -0.29
C ARG B 230 -8.60 11.50 -1.03
N ALA B 231 -7.51 11.88 -0.37
CA ALA B 231 -6.54 12.77 -0.99
C ALA B 231 -5.43 12.11 -1.81
N VAL B 232 -5.32 10.80 -1.71
CA VAL B 232 -4.26 10.10 -2.44
C VAL B 232 -4.56 9.97 -3.93
N GLN B 233 -3.63 10.42 -4.75
CA GLN B 233 -3.79 10.34 -6.19
C GLN B 233 -3.11 9.10 -6.75
N PRO B 234 -3.63 8.57 -7.87
CA PRO B 234 -3.01 7.37 -8.44
C PRO B 234 -1.56 7.60 -8.86
N SER B 235 -1.18 8.86 -9.07
CA SER B 235 0.18 9.20 -9.48
C SER B 235 1.17 9.05 -8.32
N GLU B 236 0.64 8.70 -7.16
CA GLU B 236 1.46 8.49 -5.97
C GLU B 236 1.67 6.99 -5.79
N LEU B 237 0.88 6.20 -6.50
CA LEU B 237 0.95 4.76 -6.39
C LEU B 237 1.58 4.10 -7.59
N VAL B 238 1.19 4.54 -8.78
CA VAL B 238 1.70 3.96 -10.02
C VAL B 238 3.23 3.98 -10.13
N GLY B 239 3.81 2.83 -10.47
CA GLY B 239 5.25 2.76 -10.59
C GLY B 239 5.94 2.54 -9.24
N SER B 240 5.17 2.08 -8.25
CA SER B 240 5.67 1.80 -6.90
C SER B 240 6.47 2.97 -6.36
N VAL B 241 6.11 4.15 -6.84
CA VAL B 241 6.77 5.39 -6.51
C VAL B 241 6.96 5.74 -5.03
N TRP B 242 6.09 5.25 -4.14
CA TRP B 242 6.21 5.52 -2.71
C TRP B 242 7.32 4.68 -2.02
N THR B 243 7.97 3.81 -2.79
CA THR B 243 9.02 2.98 -2.21
C THR B 243 10.43 3.42 -2.61
N LYS B 244 10.53 4.21 -3.69
CA LYS B 244 11.82 4.70 -4.20
C LYS B 244 12.38 5.85 -3.35
N GLU B 245 13.61 6.26 -3.66
CA GLU B 245 14.27 7.34 -2.92
C GLU B 245 13.56 8.70 -2.95
N ASP B 246 12.75 8.95 -3.98
CA ASP B 246 12.02 10.22 -4.07
C ASP B 246 10.57 10.10 -3.61
N LYS B 247 10.33 9.24 -2.63
CA LYS B 247 8.99 9.04 -2.11
C LYS B 247 8.38 10.28 -1.45
N GLU B 248 9.17 11.02 -0.68
CA GLU B 248 8.67 12.22 0.00
C GLU B 248 8.14 13.22 -1.01
N ILE B 249 8.75 13.24 -2.18
CA ILE B 249 8.38 14.13 -3.28
C ILE B 249 7.17 13.66 -4.07
N ASN B 250 7.20 12.41 -4.52
CA ASN B 250 6.13 11.84 -5.33
C ASN B 250 4.86 11.31 -4.66
N SER B 251 4.93 10.93 -3.39
CA SER B 251 3.75 10.39 -2.69
C SER B 251 3.52 11.08 -1.35
N PRO B 252 3.52 12.41 -1.34
CA PRO B 252 3.32 13.15 -0.08
C PRO B 252 2.00 12.92 0.64
N ASN B 253 0.93 12.61 -0.08
CA ASN B 253 -0.36 12.40 0.56
C ASN B 253 -0.47 11.01 1.19
N LEU B 254 0.07 10.01 0.49
CA LEU B 254 0.07 8.63 0.96
C LEU B 254 0.82 8.53 2.28
N LEU B 255 2.03 9.07 2.30
CA LEU B 255 2.88 9.05 3.49
C LEU B 255 2.27 9.82 4.65
N LYS B 256 1.55 10.89 4.33
CA LYS B 256 0.91 11.71 5.34
C LYS B 256 -0.21 10.90 6.00
N MET B 257 -0.83 10.02 5.21
CA MET B 257 -1.92 9.19 5.69
C MET B 257 -1.39 8.05 6.55
N ILE B 258 -0.35 7.37 6.06
CA ILE B 258 0.26 6.28 6.80
C ILE B 258 0.88 6.78 8.10
N ARG B 259 1.51 7.95 8.06
CA ARG B 259 2.11 8.52 9.27
C ARG B 259 1.10 8.84 10.35
N HIS B 260 -0.15 9.14 9.95
CA HIS B 260 -1.24 9.42 10.90
C HIS B 260 -1.62 8.10 11.56
N THR B 261 -1.79 7.06 10.75
CA THR B 261 -2.15 5.76 11.25
C THR B 261 -1.12 5.31 12.28
N THR B 262 0.16 5.42 11.93
CA THR B 262 1.25 5.05 12.80
C THR B 262 1.20 5.87 14.08
N ASN B 263 0.94 7.15 13.93
CA ASN B 263 0.88 8.06 15.05
C ASN B 263 -0.18 7.66 16.04
N LEU B 264 -1.32 7.22 15.54
CA LEU B 264 -2.40 6.85 16.42
C LEU B 264 -2.21 5.51 17.08
N THR B 265 -1.68 4.55 16.33
CA THR B 265 -1.41 3.23 16.90
C THR B 265 -0.49 3.47 18.11
N LEU B 266 0.53 4.29 17.92
CA LEU B 266 1.48 4.60 18.98
C LEU B 266 0.89 5.39 20.15
N TRP B 267 -0.04 6.30 19.87
CA TRP B 267 -0.65 7.09 20.94
C TRP B 267 -1.50 6.20 21.85
N PHE B 268 -2.12 5.18 21.25
CA PHE B 268 -2.94 4.24 22.01
C PHE B 268 -2.03 3.45 22.94
N GLU B 269 -0.90 2.96 22.41
CA GLU B 269 0.06 2.22 23.20
C GLU B 269 0.56 3.06 24.36
N LYS B 270 0.94 4.30 24.06
CA LYS B 270 1.47 5.23 25.07
C LYS B 270 0.43 5.52 26.15
N CYS B 271 -0.83 5.66 25.74
CA CYS B 271 -1.92 5.93 26.71
C CYS B 271 -2.06 4.74 27.65
N ILE B 272 -2.05 3.54 27.08
CA ILE B 272 -2.19 2.31 27.87
C ILE B 272 -1.00 2.13 28.80
N VAL B 273 0.16 1.95 28.21
CA VAL B 273 1.40 1.72 28.91
C VAL B 273 1.81 2.79 29.91
N GLU B 274 1.45 4.05 29.68
CA GLU B 274 1.80 5.10 30.63
C GLU B 274 0.72 5.27 31.71
N THR B 275 -0.28 4.39 31.69
CA THR B 275 -1.33 4.42 32.71
C THR B 275 -0.91 3.29 33.65
N GLU B 276 -0.06 3.69 34.60
CA GLU B 276 0.52 2.78 35.57
C GLU B 276 -0.41 2.08 36.55
N ASN B 277 -1.49 2.74 36.95
CA ASN B 277 -2.45 2.14 37.85
C ASN B 277 -3.30 1.13 37.07
N LEU B 278 -3.34 -0.12 37.54
CA LEU B 278 -4.10 -1.19 36.88
C LEU B 278 -5.57 -0.86 36.64
N GLU B 279 -6.23 -0.26 37.62
CA GLU B 279 -7.64 0.08 37.46
C GLU B 279 -7.82 1.07 36.31
N GLU B 280 -7.06 2.15 36.36
CA GLU B 280 -7.14 3.16 35.31
C GLU B 280 -6.74 2.59 33.96
N ARG B 281 -5.73 1.72 33.93
CA ARG B 281 -5.28 1.12 32.68
C ARG B 281 -6.37 0.27 32.04
N VAL B 282 -7.12 -0.44 32.87
CA VAL B 282 -8.21 -1.27 32.38
C VAL B 282 -9.28 -0.35 31.77
N ALA B 283 -9.47 0.81 32.38
CA ALA B 283 -10.42 1.81 31.89
C ALA B 283 -9.97 2.34 30.53
N VAL B 284 -8.66 2.57 30.41
CA VAL B 284 -8.06 3.07 29.18
C VAL B 284 -8.20 2.04 28.07
N VAL B 285 -7.88 0.79 28.36
CA VAL B 285 -7.97 -0.26 27.34
C VAL B 285 -9.41 -0.46 26.92
N SER B 286 -10.33 -0.15 27.83
CA SER B 286 -11.75 -0.31 27.55
C SER B 286 -12.29 0.73 26.56
N ARG B 287 -11.95 2.02 26.73
CA ARG B 287 -12.43 3.06 25.79
C ARG B 287 -11.92 2.75 24.40
N ILE B 288 -10.65 2.36 24.34
CA ILE B 288 -10.05 2.04 23.06
C ILE B 288 -10.83 0.94 22.35
N ILE B 289 -11.27 -0.08 23.09
CA ILE B 289 -12.05 -1.15 22.48
C ILE B 289 -13.41 -0.56 22.05
N GLU B 290 -13.93 0.38 22.83
CA GLU B 290 -15.19 1.02 22.50
C GLU B 290 -15.03 1.81 21.21
N ILE B 291 -13.93 2.57 21.12
CA ILE B 291 -13.63 3.36 19.93
C ILE B 291 -13.52 2.42 18.73
N LEU B 292 -13.02 1.20 18.96
CA LEU B 292 -12.91 0.22 17.88
C LEU B 292 -14.29 -0.16 17.41
N GLN B 293 -15.21 -0.31 18.35
CA GLN B 293 -16.57 -0.68 18.02
C GLN B 293 -17.23 0.36 17.10
N VAL B 294 -17.07 1.65 17.43
CA VAL B 294 -17.66 2.68 16.59
C VAL B 294 -16.96 2.73 15.25
N PHE B 295 -15.68 2.41 15.21
CA PHE B 295 -14.94 2.39 13.95
C PHE B 295 -15.61 1.36 13.05
N GLN B 296 -15.90 0.20 13.62
CA GLN B 296 -16.56 -0.89 12.89
C GLN B 296 -17.92 -0.45 12.38
N GLU B 297 -18.65 0.31 13.20
CA GLU B 297 -19.98 0.80 12.83
C GLU B 297 -19.85 1.77 11.67
N LEU B 298 -18.89 2.69 11.79
CA LEU B 298 -18.64 3.68 10.76
C LEU B 298 -17.90 3.12 9.55
N ASN B 299 -17.62 1.83 9.57
CA ASN B 299 -16.89 1.18 8.48
C ASN B 299 -15.51 1.79 8.23
N ASN B 300 -14.85 2.23 9.31
CA ASN B 300 -13.51 2.81 9.21
C ASN B 300 -12.48 1.71 9.50
N PHE B 301 -12.10 1.01 8.45
CA PHE B 301 -11.15 -0.09 8.55
C PHE B 301 -9.75 0.36 8.91
N ASN B 302 -9.37 1.56 8.47
CA ASN B 302 -8.05 2.08 8.80
C ASN B 302 -7.98 2.21 10.30
N GLY B 303 -9.05 2.78 10.86
CA GLY B 303 -9.14 2.96 12.31
C GLY B 303 -9.27 1.63 13.06
N VAL B 304 -9.78 0.59 12.40
CA VAL B 304 -9.90 -0.70 13.07
C VAL B 304 -8.52 -1.31 13.24
N LEU B 305 -7.80 -1.44 12.12
CA LEU B 305 -6.46 -2.01 12.14
C LEU B 305 -5.48 -1.13 12.95
N GLU B 306 -5.87 0.12 13.18
CA GLU B 306 -5.08 1.09 13.93
C GLU B 306 -5.04 0.61 15.39
N VAL B 307 -6.21 0.27 15.91
CA VAL B 307 -6.38 -0.21 17.27
C VAL B 307 -5.87 -1.66 17.39
N VAL B 308 -6.27 -2.51 16.44
CA VAL B 308 -5.83 -3.90 16.45
C VAL B 308 -4.30 -3.95 16.55
N SER B 309 -3.64 -3.09 15.79
CA SER B 309 -2.19 -3.05 15.78
C SER B 309 -1.61 -2.66 17.13
N ALA B 310 -2.23 -1.68 17.78
CA ALA B 310 -1.78 -1.25 19.09
C ALA B 310 -1.98 -2.41 20.07
N MET B 311 -3.12 -3.07 19.96
CA MET B 311 -3.42 -4.19 20.84
C MET B 311 -2.41 -5.32 20.69
N ASN B 312 -1.99 -5.59 19.46
CA ASN B 312 -1.02 -6.66 19.22
C ASN B 312 0.43 -6.23 19.30
N SER B 313 0.69 -5.00 19.69
CA SER B 313 2.07 -4.55 19.79
C SER B 313 2.73 -5.25 20.97
N SER B 314 4.05 -5.32 20.96
CA SER B 314 4.77 -5.98 22.05
C SER B 314 4.47 -5.44 23.44
N PRO B 315 4.48 -4.11 23.61
CA PRO B 315 4.20 -3.59 24.96
C PRO B 315 2.81 -3.85 25.50
N VAL B 316 1.82 -3.86 24.62
CA VAL B 316 0.44 -4.03 25.06
C VAL B 316 -0.03 -5.47 25.11
N TYR B 317 0.43 -6.27 24.16
CA TYR B 317 0.03 -7.67 24.05
C TYR B 317 0.19 -8.50 25.32
N ARG B 318 1.32 -8.33 26.01
CA ARG B 318 1.60 -9.12 27.20
C ARG B 318 1.04 -8.64 28.53
N LEU B 319 0.20 -7.61 28.53
CA LEU B 319 -0.36 -7.11 29.77
C LEU B 319 -1.53 -7.96 30.29
N ASP B 320 -1.24 -9.24 30.55
CA ASP B 320 -2.23 -10.22 31.03
C ASP B 320 -3.12 -9.74 32.17
N HIS B 321 -2.56 -8.98 33.10
CA HIS B 321 -3.34 -8.47 34.23
C HIS B 321 -4.40 -7.47 33.79
N THR B 322 -4.12 -6.77 32.69
CA THR B 322 -5.06 -5.78 32.19
C THR B 322 -6.22 -6.44 31.47
N PHE B 323 -5.92 -7.29 30.49
CA PHE B 323 -6.96 -7.96 29.72
C PHE B 323 -7.83 -8.89 30.56
N GLU B 324 -7.29 -9.33 31.69
CA GLU B 324 -8.01 -10.21 32.60
C GLU B 324 -9.32 -9.56 33.04
N GLN B 325 -9.23 -8.29 33.43
CA GLN B 325 -10.38 -7.53 33.92
C GLN B 325 -11.21 -6.81 32.87
N ILE B 326 -11.01 -7.18 31.60
CA ILE B 326 -11.78 -6.57 30.53
C ILE B 326 -13.00 -7.46 30.28
N PRO B 327 -14.20 -6.86 30.28
CA PRO B 327 -15.44 -7.59 30.06
C PRO B 327 -15.42 -8.51 28.87
N SER B 328 -16.21 -9.58 28.95
CA SER B 328 -16.29 -10.59 27.90
C SER B 328 -16.72 -10.04 26.55
N ARG B 329 -17.83 -9.28 26.52
CA ARG B 329 -18.33 -8.74 25.26
C ARG B 329 -17.26 -7.94 24.51
N GLN B 330 -16.50 -7.13 25.25
CA GLN B 330 -15.45 -6.33 24.65
C GLN B 330 -14.30 -7.18 24.12
N LYS B 331 -13.97 -8.27 24.80
CA LYS B 331 -12.90 -9.17 24.36
C LYS B 331 -13.30 -9.79 23.03
N LYS B 332 -14.58 -10.05 22.85
CA LYS B 332 -15.10 -10.67 21.62
C LYS B 332 -15.11 -9.68 20.45
N ILE B 333 -15.36 -8.41 20.75
CA ILE B 333 -15.37 -7.33 19.76
C ILE B 333 -13.96 -7.21 19.21
N LEU B 334 -12.99 -7.28 20.11
CA LEU B 334 -11.58 -7.19 19.78
C LEU B 334 -11.11 -8.43 19.02
N GLU B 335 -11.51 -9.61 19.48
CA GLU B 335 -11.14 -10.85 18.83
C GLU B 335 -11.74 -10.86 17.43
N GLU B 336 -13.00 -10.44 17.31
CA GLU B 336 -13.69 -10.38 16.02
C GLU B 336 -12.91 -9.45 15.09
N ALA B 337 -12.35 -8.39 15.66
CA ALA B 337 -11.56 -7.42 14.92
C ALA B 337 -10.23 -8.01 14.47
N HIS B 338 -9.55 -8.68 15.39
CA HIS B 338 -8.27 -9.29 15.09
C HIS B 338 -8.37 -10.33 13.98
N GLU B 339 -9.50 -11.02 13.92
CA GLU B 339 -9.72 -12.04 12.91
C GLU B 339 -9.83 -11.51 11.49
N LEU B 340 -9.98 -10.21 11.35
CA LEU B 340 -10.06 -9.60 10.03
C LEU B 340 -8.74 -9.74 9.31
N SER B 341 -7.64 -9.70 10.08
CA SER B 341 -6.29 -9.81 9.54
C SER B 341 -5.89 -11.22 9.14
N GLU B 342 -6.37 -12.20 9.89
CA GLU B 342 -6.05 -13.61 9.67
C GLU B 342 -6.17 -14.12 8.24
N ASP B 343 -5.40 -15.16 7.94
CA ASP B 343 -5.41 -15.78 6.63
C ASP B 343 -5.18 -14.79 5.50
N HIS B 344 -4.34 -13.80 5.77
CA HIS B 344 -4.01 -12.76 4.79
C HIS B 344 -5.20 -11.83 4.47
N TYR B 345 -5.84 -11.37 5.53
CA TYR B 345 -6.98 -10.46 5.43
C TYR B 345 -8.20 -11.00 4.70
N LYS B 346 -8.32 -12.33 4.61
CA LYS B 346 -9.43 -12.97 3.91
C LYS B 346 -10.79 -12.42 4.33
N LYS B 347 -10.99 -12.26 5.63
CA LYS B 347 -12.25 -11.73 6.14
C LYS B 347 -12.43 -10.23 5.90
N TYR B 348 -11.34 -9.48 5.99
CA TYR B 348 -11.39 -8.04 5.76
C TYR B 348 -11.76 -7.77 4.31
N LEU B 349 -11.12 -8.48 3.40
CA LEU B 349 -11.39 -8.31 1.98
C LEU B 349 -12.85 -8.64 1.69
N ALA B 350 -13.38 -9.63 2.41
CA ALA B 350 -14.76 -10.05 2.25
C ALA B 350 -15.73 -9.00 2.78
N LYS B 351 -15.44 -8.48 3.95
CA LYS B 351 -16.31 -7.48 4.58
C LYS B 351 -16.36 -6.18 3.80
N LEU B 352 -15.23 -5.78 3.21
CA LEU B 352 -15.15 -4.55 2.44
C LEU B 352 -16.16 -4.63 1.30
N ARG B 353 -16.14 -5.77 0.60
CA ARG B 353 -17.05 -6.01 -0.52
C ARG B 353 -18.52 -5.97 -0.09
N SER B 354 -18.82 -6.61 1.04
CA SER B 354 -20.17 -6.71 1.56
C SER B 354 -20.81 -5.43 2.11
N ILE B 355 -20.03 -4.38 2.33
CA ILE B 355 -20.61 -3.16 2.88
C ILE B 355 -20.91 -2.07 1.86
N ASN B 356 -21.73 -1.12 2.29
CA ASN B 356 -22.11 0.01 1.47
C ASN B 356 -21.44 1.26 2.03
N PRO B 357 -20.65 1.95 1.21
CA PRO B 357 -19.95 3.17 1.60
C PRO B 357 -20.84 4.23 2.25
N PRO B 358 -20.23 5.29 2.83
CA PRO B 358 -18.80 5.59 2.94
C PRO B 358 -18.02 4.61 3.81
N CYS B 359 -16.71 4.63 3.66
CA CYS B 359 -15.81 3.76 4.42
C CYS B 359 -14.37 4.18 4.20
N VAL B 360 -13.50 3.76 5.11
CA VAL B 360 -12.07 4.05 4.98
C VAL B 360 -11.35 2.70 4.88
N PRO B 361 -11.02 2.26 3.66
CA PRO B 361 -10.31 0.97 3.57
C PRO B 361 -8.88 1.04 4.09
N PHE B 362 -8.32 -0.12 4.40
CA PHE B 362 -6.93 -0.19 4.87
C PHE B 362 -6.10 -0.11 3.59
N PHE B 363 -5.22 0.88 3.52
CA PHE B 363 -4.42 1.09 2.31
C PHE B 363 -3.30 0.11 2.03
N GLY B 364 -2.63 -0.33 3.09
CA GLY B 364 -1.52 -1.27 2.95
C GLY B 364 -1.66 -2.39 1.94
N ILE B 365 -2.79 -3.09 1.95
CA ILE B 365 -3.03 -4.18 1.03
C ILE B 365 -2.90 -3.73 -0.43
N TYR B 366 -3.43 -2.55 -0.74
CA TYR B 366 -3.33 -2.01 -2.09
C TYR B 366 -1.86 -1.77 -2.47
N LEU B 367 -1.11 -1.24 -1.50
CA LEU B 367 0.31 -0.96 -1.71
C LEU B 367 1.07 -2.24 -2.06
N THR B 368 0.88 -3.28 -1.25
CA THR B 368 1.55 -4.55 -1.49
C THR B 368 1.16 -5.16 -2.82
N ASN B 369 -0.10 -5.02 -3.19
CA ASN B 369 -0.57 -5.55 -4.47
C ASN B 369 -0.02 -4.80 -5.68
N ILE B 370 0.11 -3.49 -5.58
CA ILE B 370 0.66 -2.74 -6.71
C ILE B 370 2.15 -3.07 -6.85
N LEU B 371 2.90 -2.98 -5.75
CA LEU B 371 4.34 -3.27 -5.79
C LEU B 371 4.62 -4.66 -6.35
N LYS B 372 3.93 -5.68 -5.85
CA LYS B 372 4.13 -7.05 -6.32
C LYS B 372 3.69 -7.27 -7.77
N THR B 373 2.61 -6.60 -8.18
CA THR B 373 2.12 -6.72 -9.56
C THR B 373 3.21 -6.17 -10.48
N GLU B 374 3.80 -5.04 -10.10
CA GLU B 374 4.85 -4.43 -10.91
C GLU B 374 6.19 -5.15 -10.85
N GLU B 375 6.58 -5.65 -9.68
CA GLU B 375 7.84 -6.35 -9.56
C GLU B 375 7.78 -7.84 -9.90
N GLY B 376 6.58 -8.42 -9.82
CA GLY B 376 6.41 -9.83 -10.11
C GLY B 376 6.04 -10.21 -11.54
N ASN B 377 5.92 -9.23 -12.43
CA ASN B 377 5.58 -9.45 -13.84
C ASN B 377 6.58 -8.67 -14.68
N PRO B 378 6.99 -9.22 -15.83
CA PRO B 378 7.95 -8.57 -16.71
C PRO B 378 7.48 -7.23 -17.28
N GLU B 379 8.45 -6.37 -17.61
CA GLU B 379 8.16 -5.07 -18.19
C GLU B 379 8.05 -5.20 -19.71
N VAL B 380 8.54 -6.32 -20.22
CA VAL B 380 8.55 -6.58 -21.66
C VAL B 380 8.41 -8.07 -21.98
N LEU B 381 7.61 -8.36 -23.00
CA LEU B 381 7.42 -9.72 -23.48
C LEU B 381 8.22 -9.80 -24.77
N LYS B 382 8.93 -10.91 -24.99
CA LYS B 382 9.71 -11.07 -26.21
C LYS B 382 9.03 -12.01 -27.19
N ARG B 383 8.98 -11.58 -28.45
CA ARG B 383 8.37 -12.37 -29.52
C ARG B 383 9.20 -12.18 -30.78
N HIS B 384 9.57 -13.31 -31.40
CA HIS B 384 10.37 -13.32 -32.63
C HIS B 384 11.58 -12.36 -32.59
N GLY B 385 12.11 -12.14 -31.39
CA GLY B 385 13.25 -11.25 -31.23
C GLY B 385 12.92 -9.78 -31.11
N LYS B 386 11.63 -9.46 -31.07
CA LYS B 386 11.18 -8.08 -30.94
C LYS B 386 10.73 -7.80 -29.51
N GLU B 387 10.86 -6.55 -29.09
CA GLU B 387 10.51 -6.14 -27.73
C GLU B 387 9.14 -5.45 -27.58
N LEU B 388 8.16 -6.19 -27.06
CA LEU B 388 6.82 -5.64 -26.86
C LEU B 388 6.56 -5.30 -25.40
N ILE B 389 5.96 -4.13 -25.17
CA ILE B 389 5.64 -3.66 -23.84
C ILE B 389 4.45 -4.42 -23.25
N ASN B 390 4.63 -4.97 -22.04
CA ASN B 390 3.58 -5.73 -21.36
C ASN B 390 2.56 -4.76 -20.83
N PHE B 391 1.48 -4.55 -21.57
CA PHE B 391 0.45 -3.62 -21.14
C PHE B 391 -0.48 -4.22 -20.09
N SER B 392 -0.72 -5.52 -20.20
CA SER B 392 -1.57 -6.24 -19.26
C SER B 392 -1.21 -5.92 -17.81
N LYS B 393 0.09 -5.86 -17.54
CA LYS B 393 0.64 -5.56 -16.23
C LYS B 393 0.17 -4.19 -15.78
N ARG B 394 0.22 -3.23 -16.71
CA ARG B 394 -0.21 -1.87 -16.41
C ARG B 394 -1.72 -1.81 -16.20
N ARG B 395 -2.45 -2.68 -16.88
CA ARG B 395 -3.90 -2.72 -16.73
C ARG B 395 -4.24 -3.24 -15.33
N LYS B 396 -3.49 -4.25 -14.89
CA LYS B 396 -3.71 -4.82 -13.57
C LYS B 396 -3.47 -3.79 -12.47
N VAL B 397 -2.52 -2.89 -12.70
CA VAL B 397 -2.23 -1.84 -11.72
C VAL B 397 -3.40 -0.87 -11.67
N ALA B 398 -3.87 -0.48 -12.87
CA ALA B 398 -4.99 0.45 -13.03
C ALA B 398 -6.29 -0.01 -12.36
N GLU B 399 -6.51 -1.31 -12.33
CA GLU B 399 -7.71 -1.86 -11.68
C GLU B 399 -7.66 -1.64 -10.17
N ILE B 400 -6.48 -1.80 -9.58
CA ILE B 400 -6.30 -1.60 -8.14
C ILE B 400 -6.47 -0.11 -7.86
N THR B 401 -5.84 0.69 -8.71
CA THR B 401 -5.95 2.13 -8.58
C THR B 401 -7.43 2.51 -8.66
N GLY B 402 -8.11 1.98 -9.68
CA GLY B 402 -9.52 2.26 -9.89
C GLY B 402 -10.36 1.93 -8.68
N GLU B 403 -10.12 0.75 -8.09
CA GLU B 403 -10.86 0.33 -6.90
C GLU B 403 -10.66 1.36 -5.79
N ILE B 404 -9.43 1.83 -5.62
CA ILE B 404 -9.11 2.83 -4.60
C ILE B 404 -9.97 4.07 -4.79
N GLN B 405 -9.98 4.59 -6.02
CA GLN B 405 -10.75 5.79 -6.37
C GLN B 405 -12.25 5.66 -6.16
N GLN B 406 -12.77 4.46 -6.36
CA GLN B 406 -14.19 4.25 -6.18
C GLN B 406 -14.58 4.55 -4.73
N TYR B 407 -13.77 4.09 -3.78
CA TYR B 407 -14.03 4.32 -2.37
C TYR B 407 -13.78 5.76 -1.89
N GLN B 408 -13.32 6.62 -2.78
CA GLN B 408 -13.06 8.03 -2.43
C GLN B 408 -14.26 8.94 -2.72
N ASN B 409 -15.32 8.38 -3.31
CA ASN B 409 -16.51 9.14 -3.68
C ASN B 409 -17.37 9.57 -2.48
N GLN B 410 -18.09 8.59 -1.92
CA GLN B 410 -18.99 8.79 -0.79
C GLN B 410 -18.40 9.42 0.47
N PRO B 411 -18.90 10.59 0.86
CA PRO B 411 -18.47 11.33 2.05
C PRO B 411 -19.24 10.86 3.29
N TYR B 412 -18.71 11.19 4.47
CA TYR B 412 -19.33 10.80 5.74
C TYR B 412 -20.40 11.76 6.24
N CYS B 413 -21.54 11.22 6.65
CA CYS B 413 -22.60 12.04 7.17
C CYS B 413 -22.30 12.24 8.65
N LEU B 414 -21.30 13.09 8.91
CA LEU B 414 -20.88 13.36 10.28
C LEU B 414 -20.46 14.80 10.41
N ARG B 415 -20.83 15.38 11.53
CA ARG B 415 -20.51 16.77 11.83
C ARG B 415 -19.05 16.86 12.28
N VAL B 416 -18.32 17.80 11.69
CA VAL B 416 -16.91 18.04 12.01
C VAL B 416 -16.82 18.89 13.28
N GLU B 417 -15.92 18.52 14.19
CA GLU B 417 -15.72 19.31 15.40
C GLU B 417 -14.28 19.75 15.28
N SER B 418 -14.09 21.00 14.85
CA SER B 418 -12.80 21.60 14.61
C SER B 418 -11.73 21.50 15.70
N ASP B 419 -12.13 21.66 16.96
CA ASP B 419 -11.17 21.57 18.06
C ASP B 419 -10.69 20.14 18.33
N ILE B 420 -11.61 19.18 18.32
CA ILE B 420 -11.25 17.78 18.55
C ILE B 420 -10.38 17.28 17.38
N LYS B 421 -10.66 17.81 16.20
CA LYS B 421 -9.95 17.46 14.98
C LYS B 421 -8.52 17.96 15.07
N ARG B 422 -8.35 19.15 15.66
CA ARG B 422 -7.03 19.74 15.80
C ARG B 422 -6.19 18.98 16.83
N PHE B 423 -6.87 18.45 17.84
CA PHE B 423 -6.24 17.68 18.90
C PHE B 423 -5.55 16.44 18.32
N PHE B 424 -6.29 15.65 17.54
CA PHE B 424 -5.75 14.43 16.94
C PHE B 424 -4.80 14.73 15.78
N GLU B 425 -4.88 15.93 15.24
CA GLU B 425 -4.02 16.33 14.13
C GLU B 425 -2.66 16.72 14.69
N ASN B 426 -2.65 17.19 15.93
CA ASN B 426 -1.43 17.62 16.60
C ASN B 426 -0.82 16.61 17.58
N LEU B 427 -1.34 15.39 17.63
CA LEU B 427 -0.79 14.37 18.51
C LEU B 427 0.62 14.05 18.05
N ASN B 428 1.52 13.88 19.02
CA ASN B 428 2.89 13.56 18.71
C ASN B 428 3.43 12.70 19.87
N PRO B 429 2.99 11.44 19.95
CA PRO B 429 3.38 10.48 20.99
C PRO B 429 4.90 10.38 21.15
N MET B 430 5.60 10.28 20.02
CA MET B 430 7.04 10.13 19.99
C MET B 430 7.85 11.33 20.47
N GLY B 431 7.26 12.52 20.45
CA GLY B 431 7.99 13.71 20.87
C GLY B 431 9.22 13.93 20.00
N ASN B 432 10.39 14.05 20.60
CA ASN B 432 11.64 14.26 19.86
C ASN B 432 12.45 12.98 19.72
N SER B 433 11.94 11.89 20.28
CA SER B 433 12.61 10.60 20.26
C SER B 433 12.56 9.93 18.89
N MET B 434 13.56 9.11 18.61
CA MET B 434 13.61 8.36 17.35
C MET B 434 12.75 7.12 17.54
N GLU B 435 12.41 6.45 16.46
CA GLU B 435 11.59 5.25 16.53
C GLU B 435 12.01 4.29 17.65
N LYS B 436 13.20 3.70 17.52
CA LYS B 436 13.73 2.74 18.49
C LYS B 436 13.79 3.22 19.94
N GLU B 437 14.24 4.45 20.15
CA GLU B 437 14.32 4.97 21.50
C GLU B 437 12.92 4.94 22.13
N PHE B 438 11.91 5.36 21.36
CA PHE B 438 10.53 5.41 21.82
C PHE B 438 9.93 4.02 22.00
N THR B 439 10.13 3.17 21.00
CA THR B 439 9.61 1.81 21.06
C THR B 439 10.15 1.11 22.31
N ASP B 440 11.44 1.28 22.56
CA ASP B 440 12.08 0.67 23.73
C ASP B 440 11.50 1.23 25.02
N TYR B 441 11.15 2.51 25.02
CA TYR B 441 10.57 3.14 26.20
C TYR B 441 9.21 2.52 26.54
N LEU B 442 8.40 2.28 25.52
CA LEU B 442 7.09 1.69 25.70
C LEU B 442 7.24 0.32 26.31
N PHE B 443 8.13 -0.49 25.71
CA PHE B 443 8.35 -1.84 26.22
C PHE B 443 8.93 -1.90 27.63
N ASN B 444 9.82 -0.97 27.96
CA ASN B 444 10.38 -0.96 29.31
C ASN B 444 9.32 -0.47 30.29
N LYS B 445 8.33 0.26 29.79
CA LYS B 445 7.25 0.75 30.63
C LYS B 445 6.28 -0.39 30.90
N SER B 446 6.11 -1.26 29.89
CA SER B 446 5.23 -2.40 30.04
C SER B 446 5.81 -3.33 31.11
N LEU B 447 7.13 -3.56 31.07
CA LEU B 447 7.81 -4.42 32.04
C LEU B 447 7.72 -3.83 33.43
N GLU B 448 7.72 -2.51 33.54
CA GLU B 448 7.63 -1.82 34.82
C GLU B 448 6.22 -1.92 35.46
N ILE B 449 5.18 -1.89 34.64
CA ILE B 449 3.83 -1.94 35.16
C ILE B 449 3.30 -3.36 35.34
N GLU B 450 3.94 -4.31 34.65
CA GLU B 450 3.58 -5.72 34.77
C GLU B 450 4.82 -6.57 34.54
N PRO B 451 5.71 -6.63 35.55
CA PRO B 451 6.96 -7.41 35.48
C PRO B 451 6.71 -8.89 35.23
N ARG B 452 7.70 -9.57 34.66
CA ARG B 452 7.62 -10.99 34.35
C ARG B 452 7.31 -11.94 35.53
N ASN B 453 6.46 -12.92 35.24
CA ASN B 453 5.95 -13.93 36.17
C ASN B 453 6.36 -14.06 37.64
N PRO B 454 7.59 -14.55 37.94
CA PRO B 454 7.97 -14.68 39.35
C PRO B 454 7.97 -13.37 40.14
N LYS B 455 8.04 -12.25 39.42
CA LYS B 455 8.05 -10.94 40.06
C LYS B 455 6.61 -10.47 40.32
N PRO B 456 6.27 -10.21 41.59
CA PRO B 456 4.92 -9.76 42.00
C PRO B 456 4.50 -8.43 41.35
N LEU B 457 3.21 -8.30 41.07
CA LEU B 457 2.66 -7.09 40.46
C LEU B 457 2.58 -5.93 41.45
N PRO B 458 3.41 -4.90 41.25
CA PRO B 458 3.33 -3.78 42.20
C PRO B 458 2.10 -2.91 41.97
N ARG B 459 1.85 -2.00 42.89
CA ARG B 459 0.72 -1.08 42.78
C ARG B 459 1.25 0.30 42.44
N PHE B 460 0.48 1.05 41.66
CA PHE B 460 0.89 2.39 41.29
C PHE B 460 -0.23 3.35 41.64
N PRO B 461 0.11 4.61 41.95
CA PRO B 461 -0.86 5.64 42.30
C PRO B 461 -1.79 6.06 41.16
N LYS B 462 -2.96 6.59 41.50
CA LYS B 462 -3.91 7.04 40.49
C LYS B 462 -3.36 8.25 39.74
N LYS B 463 -3.65 8.30 38.43
CA LYS B 463 -3.19 9.35 37.54
C LYS B 463 -4.32 10.32 37.22
N TYR B 464 -5.50 9.77 36.94
CA TYR B 464 -6.66 10.58 36.58
C TYR B 464 -7.53 10.98 37.78
N SER B 465 -7.86 12.28 37.86
CA SER B 465 -8.67 12.82 38.94
C SER B 465 -10.13 13.07 38.54
N TYR B 466 -10.63 12.30 37.58
CA TYR B 466 -12.00 12.42 37.11
C TYR B 466 -12.58 10.99 36.97
N PRO B 467 -13.92 10.83 36.94
CA PRO B 467 -14.49 9.49 36.81
C PRO B 467 -14.06 8.71 35.56
N LEU B 468 -13.75 7.43 35.75
CA LEU B 468 -13.32 6.57 34.65
C LEU B 468 -14.46 5.77 34.03
N LYS B 469 -15.69 6.12 34.40
CA LYS B 469 -16.85 5.43 33.86
C LYS B 469 -17.09 5.95 32.44
N SER B 470 -17.23 5.03 31.50
CA SER B 470 -17.48 5.39 30.12
C SER B 470 -18.96 5.79 29.95
N PRO B 471 -19.22 6.85 29.18
CA PRO B 471 -20.60 7.27 28.96
C PRO B 471 -21.31 6.30 28.03
N GLY B 472 -20.56 5.33 27.52
CA GLY B 472 -21.14 4.35 26.62
C GLY B 472 -20.94 4.65 25.15
N VAL B 473 -21.31 3.70 24.30
CA VAL B 473 -21.15 3.83 22.86
C VAL B 473 -22.44 4.15 22.10
N ARG B 474 -23.57 4.12 22.80
CA ARG B 474 -24.87 4.42 22.20
C ARG B 474 -25.14 5.93 22.27
N PRO B 475 -25.50 6.55 21.14
CA PRO B 475 -25.79 7.99 21.05
C PRO B 475 -26.99 8.45 21.90
N SER B 476 -26.98 9.74 22.24
CA SER B 476 -28.03 10.36 23.06
C SER B 476 -29.47 10.05 22.63
N ASN B 477 -29.82 10.46 21.41
CA ASN B 477 -31.17 10.23 20.86
C ASN B 477 -31.13 10.17 19.33
#